data_9VOJ
#
_entry.id   9VOJ
#
_cell.length_a   154.920
_cell.length_b   42.510
_cell.length_c   42.330
_cell.angle_alpha   90.000
_cell.angle_beta   95.952
_cell.angle_gamma   90.000
#
_symmetry.space_group_name_H-M   'C 1 2 1'
#
loop_
_entity.id
_entity.type
_entity.pdbx_description
1 polymer 'Vitamin D3 receptor'
2 polymer 'Mediator of RNA polymerase II transcription subunit 1'
3 non-polymer '4-[4-{7-(4-(1,1,1,3,3,3-hexafluoro-2-hydroxypropan-2-yl)phenyl)-1,7-dicarba-closo-dodecaboran-1-yl}phenoxy]butyric acid'
4 water water
#
loop_
_entity_poly.entity_id
_entity_poly.type
_entity_poly.pdbx_seq_one_letter_code
_entity_poly.pdbx_strand_id
1 'polypeptide(L)'
;GSHMGSPNSPLKDSLRPKLSEEQQHIIAILLDAHHKTYDPTYADFRDFRPPVRMDGSTGSVTLDLSPLSMLPHLADLVSY
SIQKVIGFAKMIPGFRDLTSDDQIVLLKSSAIEVIMLRSNQSFTMDDMSWDCGSQDYKYDVTDVSKAGHTLELIEPLIKF
QVGLKKLNLHEEEHVLLMAICIVSPDRPGVQDAKLVEAIQDRLSNTLQTYIRCRHPPPGSHQLYAKMIQKLADLRSLNEE
HSKQYRSLSFQPENSMKLTPLVLEVFGNEIS
;
A
2 'polypeptide(L)' KNHPMLMNLLKDN C
#
# COMPACT_ATOMS: atom_id res chain seq x y z
N LYS A 18 3.03 -26.45 11.77
CA LYS A 18 1.59 -26.66 11.61
C LYS A 18 0.79 -25.33 11.51
N LEU A 19 -0.14 -25.25 10.58
CA LEU A 19 -0.97 -24.04 10.42
C LEU A 19 -2.17 -24.15 11.35
N SER A 20 -2.12 -23.42 12.47
CA SER A 20 -3.15 -23.56 13.50
C SER A 20 -4.50 -23.03 12.99
N GLU A 21 -5.57 -23.37 13.73
CA GLU A 21 -6.91 -22.89 13.41
C GLU A 21 -6.98 -21.37 13.39
N GLU A 22 -6.36 -20.74 14.40
CA GLU A 22 -6.27 -19.29 14.42
C GLU A 22 -5.56 -18.76 13.20
N GLN A 23 -4.51 -19.45 12.74
CA GLN A 23 -3.77 -18.95 11.59
C GLN A 23 -4.60 -19.06 10.30
N GLN A 24 -5.34 -20.16 10.14
CA GLN A 24 -6.20 -20.30 8.96
C GLN A 24 -7.33 -19.28 9.00
N HIS A 25 -7.81 -18.97 10.20
CA HIS A 25 -8.81 -17.92 10.37
C HIS A 25 -8.29 -16.57 9.88
N ILE A 26 -7.09 -16.19 10.36
CA ILE A 26 -6.46 -14.92 10.00
C ILE A 26 -6.37 -14.77 8.47
N ILE A 27 -5.93 -15.83 7.78
CA ILE A 27 -5.76 -15.76 6.33
C ILE A 27 -7.11 -15.61 5.64
N ALA A 28 -8.13 -16.37 6.05
CA ALA A 28 -9.47 -16.21 5.48
C ALA A 28 -10.00 -14.77 5.63
N ILE A 29 -9.79 -14.14 6.79
CA ILE A 29 -10.32 -12.81 7.02
C ILE A 29 -9.63 -11.79 6.12
N LEU A 30 -8.28 -11.92 5.96
CA LEU A 30 -7.51 -10.97 5.17
C LEU A 30 -7.79 -11.13 3.67
N LEU A 31 -7.89 -12.38 3.21
CA LEU A 31 -8.35 -12.62 1.84
C LEU A 31 -9.68 -11.90 1.56
N ASP A 32 -10.67 -12.11 2.44
CA ASP A 32 -11.99 -11.49 2.23
C ASP A 32 -11.90 -9.97 2.31
N ALA A 33 -11.09 -9.47 3.24
CA ALA A 33 -10.91 -8.03 3.40
C ALA A 33 -10.35 -7.42 2.13
N HIS A 34 -9.36 -8.09 1.51
CA HIS A 34 -8.82 -7.62 0.22
C HIS A 34 -9.89 -7.62 -0.88
N HIS A 35 -10.64 -8.73 -1.01
CA HIS A 35 -11.67 -8.81 -2.04
C HIS A 35 -12.75 -7.73 -1.88
N LYS A 36 -13.06 -7.34 -0.65
CA LYS A 36 -14.01 -6.27 -0.38
C LYS A 36 -13.44 -4.87 -0.59
N THR A 37 -12.11 -4.73 -0.72
CA THR A 37 -11.50 -3.42 -0.89
C THR A 37 -10.68 -3.24 -2.16
N TYR A 38 -10.61 -4.25 -3.05
CA TYR A 38 -9.89 -4.15 -4.31
C TYR A 38 -10.81 -4.67 -5.41
N ASP A 39 -11.22 -3.76 -6.31
CA ASP A 39 -12.12 -4.11 -7.41
C ASP A 39 -11.30 -4.29 -8.70
N PRO A 40 -11.04 -5.53 -9.14
CA PRO A 40 -10.19 -5.74 -10.31
C PRO A 40 -10.86 -5.40 -11.64
N THR A 41 -12.14 -5.03 -11.62
CA THR A 41 -12.77 -4.46 -12.80
C THR A 41 -12.48 -2.96 -12.94
N TYR A 42 -12.02 -2.31 -11.88
CA TYR A 42 -11.63 -0.90 -11.93
C TYR A 42 -12.80 0.02 -12.33
N ALA A 43 -14.02 -0.38 -11.97
CA ALA A 43 -15.23 0.33 -12.41
C ALA A 43 -15.31 1.77 -11.89
N ASP A 44 -14.72 2.04 -10.72
CA ASP A 44 -14.84 3.35 -10.07
C ASP A 44 -13.98 4.43 -10.71
N PHE A 45 -13.11 4.05 -11.65
CA PHE A 45 -12.27 5.03 -12.32
C PHE A 45 -13.08 6.07 -13.11
N ARG A 46 -14.37 5.83 -13.34
CA ARG A 46 -15.22 6.85 -13.96
C ARG A 46 -15.28 8.12 -13.12
N ASP A 47 -15.19 7.98 -11.79
CA ASP A 47 -15.38 9.11 -10.90
C ASP A 47 -14.18 10.05 -10.88
N PHE A 48 -13.00 9.59 -11.30
CA PHE A 48 -11.78 10.40 -11.24
C PHE A 48 -11.77 11.45 -12.35
N ARG A 49 -11.06 12.54 -12.09
CA ARG A 49 -10.73 13.50 -13.14
C ARG A 49 -9.94 12.83 -14.27
N PRO A 50 -10.11 13.28 -15.50
CA PRO A 50 -9.59 12.51 -16.64
C PRO A 50 -8.07 12.58 -16.72
N PRO A 51 -7.43 11.53 -17.22
CA PRO A 51 -6.00 11.64 -17.54
C PRO A 51 -5.81 12.51 -18.77
N VAL A 52 -4.76 13.32 -18.74
CA VAL A 52 -4.29 14.09 -19.90
C VAL A 52 -2.80 13.82 -20.05
N ARG A 53 -2.41 13.35 -21.23
CA ARG A 53 -1.04 12.90 -21.50
C ARG A 53 -0.40 13.72 -22.61
N PRO A 67 3.77 21.72 -16.25
CA PRO A 67 2.60 21.13 -16.88
C PRO A 67 2.30 19.73 -16.34
N LEU A 68 2.10 19.62 -15.02
CA LEU A 68 1.84 18.34 -14.37
C LEU A 68 0.43 17.89 -14.74
N SER A 69 0.30 17.40 -15.98
CA SER A 69 -1.01 17.14 -16.57
C SER A 69 -1.71 15.93 -15.95
N MET A 70 -0.96 14.96 -15.44
CA MET A 70 -1.56 13.77 -14.85
C MET A 70 -1.80 13.90 -13.36
N LEU A 71 -1.44 15.02 -12.74
CA LEU A 71 -1.60 15.16 -11.30
C LEU A 71 -3.06 15.04 -10.85
N PRO A 72 -4.05 15.68 -11.50
CA PRO A 72 -5.44 15.52 -11.01
C PRO A 72 -5.93 14.08 -11.02
N HIS A 73 -5.71 13.35 -12.12
CA HIS A 73 -6.14 11.95 -12.18
C HIS A 73 -5.41 11.10 -11.16
N LEU A 74 -4.07 11.24 -11.08
CA LEU A 74 -3.30 10.39 -10.17
C LEU A 74 -3.51 10.77 -8.71
N ALA A 75 -3.74 12.06 -8.41
CA ALA A 75 -4.18 12.43 -7.07
C ALA A 75 -5.48 11.72 -6.72
N ASP A 76 -6.47 11.76 -7.63
CA ASP A 76 -7.76 11.10 -7.40
C ASP A 76 -7.58 9.59 -7.22
N LEU A 77 -6.66 9.00 -8.00
CA LEU A 77 -6.37 7.57 -7.88
C LEU A 77 -5.83 7.24 -6.50
N VAL A 78 -4.84 8.00 -6.04
CA VAL A 78 -4.28 7.78 -4.70
C VAL A 78 -5.33 8.01 -3.61
N SER A 79 -6.13 9.08 -3.75
CA SER A 79 -7.13 9.36 -2.70
C SER A 79 -8.10 8.19 -2.52
N TYR A 80 -8.60 7.64 -3.63
CA TYR A 80 -9.45 6.44 -3.61
C TYR A 80 -8.72 5.26 -2.99
N SER A 81 -7.47 5.05 -3.39
CA SER A 81 -6.68 3.95 -2.83
C SER A 81 -6.52 4.09 -1.31
N ILE A 82 -6.34 5.34 -0.83
CA ILE A 82 -6.25 5.54 0.62
C ILE A 82 -7.52 5.04 1.32
N GLN A 83 -8.70 5.37 0.76
CA GLN A 83 -9.96 4.93 1.37
C GLN A 83 -10.04 3.40 1.43
N LYS A 84 -9.59 2.74 0.37
CA LYS A 84 -9.61 1.28 0.33
C LYS A 84 -8.62 0.66 1.32
N VAL A 85 -7.41 1.24 1.42
CA VAL A 85 -6.41 0.79 2.39
C VAL A 85 -6.94 0.91 3.83
N ILE A 86 -7.72 1.95 4.11
CA ILE A 86 -8.31 2.06 5.44
C ILE A 86 -9.39 0.99 5.67
N GLY A 87 -10.18 0.68 4.65
CA GLY A 87 -11.18 -0.38 4.81
C GLY A 87 -10.53 -1.73 5.04
N PHE A 88 -9.40 -1.96 4.36
CA PHE A 88 -8.65 -3.20 4.59
C PHE A 88 -8.10 -3.24 6.01
N ALA A 89 -7.47 -2.13 6.44
CA ALA A 89 -6.82 -2.07 7.75
C ALA A 89 -7.79 -2.37 8.89
N LYS A 90 -9.01 -1.78 8.85
CA LYS A 90 -9.97 -2.00 9.92
C LYS A 90 -10.32 -3.48 10.10
N MET A 91 -10.08 -4.30 9.08
CA MET A 91 -10.42 -5.73 9.12
C MET A 91 -9.24 -6.63 9.53
N ILE A 92 -8.04 -6.08 9.66
CA ILE A 92 -6.89 -6.84 10.19
C ILE A 92 -7.20 -7.24 11.62
N PRO A 93 -7.13 -8.53 11.95
CA PRO A 93 -7.42 -8.97 13.33
C PRO A 93 -6.53 -8.29 14.36
N GLY A 94 -7.17 -7.57 15.29
CA GLY A 94 -6.49 -6.88 16.36
C GLY A 94 -6.25 -5.39 16.14
N PHE A 95 -6.32 -4.92 14.89
CA PHE A 95 -6.09 -3.50 14.59
C PHE A 95 -6.98 -2.58 15.42
N ARG A 96 -8.25 -2.92 15.57
CA ARG A 96 -9.17 -2.02 16.26
C ARG A 96 -9.11 -2.16 17.78
N ASP A 97 -8.19 -2.95 18.31
CA ASP A 97 -7.89 -2.89 19.74
C ASP A 97 -6.85 -1.83 20.06
N LEU A 98 -6.25 -1.21 19.04
CA LEU A 98 -5.37 -0.07 19.22
C LEU A 98 -6.17 1.21 19.50
N THR A 99 -5.50 2.17 20.12
CA THR A 99 -6.08 3.51 20.30
C THR A 99 -6.29 4.15 18.93
N SER A 100 -7.19 5.14 18.91
CA SER A 100 -7.43 5.92 17.69
C SER A 100 -6.17 6.59 17.19
N ASP A 101 -5.43 7.23 18.10
CA ASP A 101 -4.18 7.89 17.74
C ASP A 101 -3.17 6.90 17.14
N ASP A 102 -3.11 5.66 17.67
CA ASP A 102 -2.17 4.67 17.12
C ASP A 102 -2.65 4.11 15.77
N GLN A 103 -3.96 3.88 15.62
CA GLN A 103 -4.48 3.51 14.29
C GLN A 103 -4.15 4.60 13.27
N ILE A 104 -4.29 5.87 13.68
CA ILE A 104 -4.00 6.97 12.77
C ILE A 104 -2.50 7.06 12.45
N VAL A 105 -1.66 6.92 13.46
CA VAL A 105 -0.22 6.94 13.22
C VAL A 105 0.17 5.86 12.20
N LEU A 106 -0.40 4.67 12.36
CA LEU A 106 0.02 3.53 11.54
C LEU A 106 -0.43 3.69 10.10
N LEU A 107 -1.61 4.30 9.90
CA LEU A 107 -2.13 4.50 8.56
C LEU A 107 -1.40 5.62 7.84
N LYS A 108 -1.11 6.74 8.53
CA LYS A 108 -0.46 7.86 7.85
C LYS A 108 0.94 7.46 7.39
N SER A 109 1.65 6.73 8.23
CA SER A 109 3.03 6.35 7.93
C SER A 109 3.12 5.18 6.95
N SER A 110 2.05 4.37 6.80
CA SER A 110 2.11 3.20 5.90
C SER A 110 1.40 3.40 4.59
N ALA A 111 0.60 4.47 4.45
CA ALA A 111 -0.34 4.56 3.33
C ALA A 111 0.36 4.43 1.99
N ILE A 112 1.42 5.21 1.75
CA ILE A 112 2.01 5.16 0.42
C ILE A 112 2.69 3.81 0.20
N GLU A 113 3.20 3.17 1.26
CA GLU A 113 3.81 1.85 1.11
C GLU A 113 2.76 0.80 0.75
N VAL A 114 1.61 0.79 1.44
CA VAL A 114 0.59 -0.18 1.10
C VAL A 114 0.06 0.09 -0.29
N ILE A 115 -0.06 1.37 -0.67
CA ILE A 115 -0.57 1.70 -1.99
C ILE A 115 0.39 1.18 -3.08
N MET A 116 1.70 1.31 -2.86
CA MET A 116 2.66 0.74 -3.81
C MET A 116 2.58 -0.79 -3.84
N LEU A 117 2.41 -1.43 -2.67
CA LEU A 117 2.23 -2.88 -2.65
C LEU A 117 0.97 -3.28 -3.40
N ARG A 118 -0.16 -2.64 -3.07
CA ARG A 118 -1.40 -3.04 -3.71
C ARG A 118 -1.40 -2.74 -5.19
N SER A 119 -0.61 -1.74 -5.64
CA SER A 119 -0.54 -1.49 -7.07
C SER A 119 0.17 -2.61 -7.84
N ASN A 120 0.91 -3.48 -7.14
CA ASN A 120 1.67 -4.53 -7.83
C ASN A 120 0.76 -5.49 -8.59
N GLN A 121 -0.50 -5.59 -8.17
CA GLN A 121 -1.46 -6.48 -8.81
C GLN A 121 -1.69 -6.07 -10.25
N SER A 122 -1.78 -4.76 -10.53
CA SER A 122 -1.95 -4.25 -11.88
C SER A 122 -0.63 -4.13 -12.64
N PHE A 123 0.50 -4.12 -11.96
CA PHE A 123 1.78 -3.94 -12.64
C PHE A 123 2.03 -5.10 -13.60
N THR A 124 2.56 -4.78 -14.80
CA THR A 124 2.96 -5.78 -15.79
C THR A 124 4.41 -5.61 -16.22
N MET A 125 5.17 -6.71 -16.21
CA MET A 125 6.55 -6.63 -16.67
C MET A 125 6.68 -6.61 -18.19
N ASP A 126 5.60 -6.73 -18.95
CA ASP A 126 5.73 -6.59 -20.41
C ASP A 126 6.25 -5.21 -20.77
N ASP A 127 5.62 -4.15 -20.24
CA ASP A 127 6.07 -2.80 -20.54
C ASP A 127 6.23 -1.95 -19.29
N MET A 128 6.51 -2.57 -18.14
CA MET A 128 6.82 -1.84 -16.91
C MET A 128 5.75 -0.77 -16.66
N SER A 129 4.51 -1.20 -16.66
CA SER A 129 3.43 -0.24 -16.46
C SER A 129 2.40 -0.84 -15.52
N TRP A 130 1.55 0.04 -15.00
CA TRP A 130 0.41 -0.33 -14.17
C TRP A 130 -0.82 -0.34 -15.08
N ASP A 131 -1.33 -1.53 -15.37
CA ASP A 131 -2.39 -1.73 -16.37
C ASP A 131 -3.71 -1.92 -15.62
N CYS A 132 -4.50 -0.88 -15.54
CA CYS A 132 -5.80 -0.96 -14.84
C CYS A 132 -6.95 -1.15 -15.83
N GLY A 133 -6.79 -2.12 -16.73
CA GLY A 133 -7.87 -2.64 -17.55
C GLY A 133 -8.19 -1.85 -18.80
N SER A 134 -7.50 -0.74 -19.04
CA SER A 134 -7.81 0.15 -20.14
C SER A 134 -6.55 0.90 -20.52
N GLN A 135 -6.47 1.28 -21.79
CA GLN A 135 -5.32 2.04 -22.31
C GLN A 135 -5.32 3.43 -21.65
N ASP A 136 -6.49 4.05 -21.52
CA ASP A 136 -6.61 5.33 -20.84
C ASP A 136 -6.07 5.24 -19.41
N TYR A 137 -6.33 4.12 -18.75
CA TYR A 137 -5.91 3.87 -17.37
C TYR A 137 -4.70 2.91 -17.33
N LYS A 138 -3.73 3.11 -18.22
CA LYS A 138 -2.47 2.37 -18.13
C LYS A 138 -1.34 3.36 -17.91
N TYR A 139 -0.59 3.19 -16.82
CA TYR A 139 0.34 4.21 -16.35
C TYR A 139 1.77 3.72 -16.44
N ASP A 140 2.63 4.50 -17.13
CA ASP A 140 4.06 4.23 -17.27
C ASP A 140 4.87 5.30 -16.53
N VAL A 141 6.20 5.24 -16.69
CA VAL A 141 7.08 6.18 -15.99
C VAL A 141 6.79 7.61 -16.43
N THR A 142 6.44 7.82 -17.71
CA THR A 142 6.15 9.16 -18.19
C THR A 142 4.90 9.73 -17.53
N ASP A 143 3.90 8.90 -17.27
CA ASP A 143 2.70 9.37 -16.56
C ASP A 143 3.02 9.77 -15.13
N VAL A 144 3.87 9.00 -14.45
CA VAL A 144 4.19 9.35 -13.07
C VAL A 144 4.98 10.65 -13.02
N SER A 145 5.88 10.87 -13.99
CA SER A 145 6.59 12.14 -14.00
C SER A 145 5.67 13.31 -14.27
N LYS A 146 4.58 13.07 -15.00
CA LYS A 146 3.57 14.09 -15.29
C LYS A 146 2.67 14.38 -14.11
N ALA A 147 2.90 13.74 -12.96
CA ALA A 147 2.26 14.13 -11.71
C ALA A 147 3.23 14.84 -10.75
N GLY A 148 4.47 15.11 -11.16
CA GLY A 148 5.40 15.87 -10.33
C GLY A 148 6.55 15.10 -9.71
N HIS A 149 6.62 13.78 -9.91
CA HIS A 149 7.66 12.95 -9.32
C HIS A 149 8.80 12.73 -10.31
N THR A 150 10.01 12.50 -9.77
CA THR A 150 11.25 12.39 -10.53
C THR A 150 11.79 10.96 -10.47
N LEU A 151 12.81 10.73 -11.29
CA LEU A 151 13.43 9.41 -11.36
C LEU A 151 14.06 8.98 -10.02
N GLU A 152 14.40 9.92 -9.14
CA GLU A 152 14.91 9.53 -7.82
C GLU A 152 13.93 8.61 -7.09
N LEU A 153 12.64 8.78 -7.35
CA LEU A 153 11.59 7.90 -6.84
C LEU A 153 11.25 6.80 -7.85
N ILE A 154 11.10 7.17 -9.12
CA ILE A 154 10.53 6.25 -10.10
C ILE A 154 11.51 5.10 -10.45
N GLU A 155 12.81 5.38 -10.54
CA GLU A 155 13.73 4.26 -10.81
C GLU A 155 13.67 3.19 -9.72
N PRO A 156 13.84 3.51 -8.43
CA PRO A 156 13.70 2.45 -7.41
C PRO A 156 12.30 1.85 -7.32
N LEU A 157 11.27 2.65 -7.64
CA LEU A 157 9.92 2.14 -7.59
C LEU A 157 9.71 1.03 -8.62
N ILE A 158 10.20 1.22 -9.83
CA ILE A 158 10.09 0.19 -10.86
C ILE A 158 10.93 -1.04 -10.49
N LYS A 159 12.14 -0.82 -9.97
CA LYS A 159 12.92 -1.95 -9.50
C LYS A 159 12.16 -2.74 -8.44
N PHE A 160 11.47 -2.03 -7.54
CA PHE A 160 10.68 -2.68 -6.48
C PHE A 160 9.53 -3.49 -7.09
N GLN A 161 8.74 -2.85 -7.98
CA GLN A 161 7.61 -3.55 -8.60
C GLN A 161 8.09 -4.80 -9.35
N VAL A 162 9.25 -4.71 -10.00
CA VAL A 162 9.78 -5.89 -10.71
C VAL A 162 10.16 -6.99 -9.73
N GLY A 163 10.88 -6.64 -8.66
CA GLY A 163 11.34 -7.67 -7.74
C GLY A 163 10.19 -8.30 -6.96
N LEU A 164 9.16 -7.51 -6.64
CA LEU A 164 7.98 -8.07 -6.00
C LEU A 164 7.25 -9.00 -6.95
N LYS A 165 7.04 -8.54 -8.21
CA LYS A 165 6.31 -9.34 -9.18
C LYS A 165 6.99 -10.68 -9.41
N LYS A 166 8.34 -10.69 -9.37
CA LYS A 166 9.12 -11.91 -9.55
C LYS A 166 9.01 -12.86 -8.37
N LEU A 167 8.46 -12.43 -7.23
CA LEU A 167 8.27 -13.36 -6.13
C LEU A 167 7.09 -14.29 -6.35
N ASN A 168 6.20 -13.96 -7.29
CA ASN A 168 5.00 -14.74 -7.61
C ASN A 168 4.24 -15.12 -6.33
N LEU A 169 3.99 -14.11 -5.48
CA LEU A 169 3.31 -14.36 -4.23
C LEU A 169 1.96 -15.01 -4.45
N HIS A 170 1.63 -15.96 -3.58
CA HIS A 170 0.26 -16.37 -3.44
C HIS A 170 -0.56 -15.18 -2.95
N GLU A 171 -1.85 -15.15 -3.34
CA GLU A 171 -2.72 -14.10 -2.82
C GLU A 171 -2.69 -14.05 -1.29
N GLU A 172 -2.60 -15.22 -0.64
CA GLU A 172 -2.48 -15.29 0.81
C GLU A 172 -1.26 -14.52 1.34
N GLU A 173 -0.11 -14.69 0.68
CA GLU A 173 1.10 -13.96 1.05
C GLU A 173 0.98 -12.45 0.76
N HIS A 174 0.33 -12.11 -0.34
CA HIS A 174 0.17 -10.70 -0.70
C HIS A 174 -0.63 -9.95 0.37
N VAL A 175 -1.71 -10.57 0.88
CA VAL A 175 -2.53 -9.82 1.85
C VAL A 175 -1.87 -9.82 3.25
N LEU A 176 -1.13 -10.89 3.60
CA LEU A 176 -0.35 -10.87 4.85
C LEU A 176 0.70 -9.75 4.83
N LEU A 177 1.38 -9.57 3.69
CA LEU A 177 2.42 -8.54 3.59
C LEU A 177 1.84 -7.15 3.77
N MET A 178 0.71 -6.89 3.14
CA MET A 178 0.04 -5.59 3.31
C MET A 178 -0.33 -5.35 4.78
N ALA A 179 -0.81 -6.40 5.47
CA ALA A 179 -1.20 -6.25 6.87
C ALA A 179 0.02 -6.03 7.76
N ILE A 180 1.09 -6.81 7.56
CA ILE A 180 2.30 -6.64 8.35
C ILE A 180 2.87 -5.24 8.15
N CYS A 181 2.81 -4.73 6.91
CA CYS A 181 3.29 -3.37 6.64
C CYS A 181 2.52 -2.33 7.47
N ILE A 182 1.20 -2.48 7.54
CA ILE A 182 0.35 -1.51 8.25
C ILE A 182 0.65 -1.52 9.77
N VAL A 183 0.72 -2.73 10.36
CA VAL A 183 0.89 -2.86 11.80
C VAL A 183 2.38 -2.98 12.15
N SER A 184 3.13 -1.89 11.94
CA SER A 184 4.57 -1.87 12.21
C SER A 184 4.87 -1.13 13.50
N PRO A 185 5.60 -1.74 14.46
CA PRO A 185 5.81 -1.08 15.75
C PRO A 185 6.86 0.04 15.75
N ASP A 186 7.70 0.14 14.73
CA ASP A 186 8.75 1.15 14.76
C ASP A 186 8.35 2.48 14.10
N ARG A 187 7.09 2.63 13.69
CA ARG A 187 6.65 3.90 13.13
C ARG A 187 6.78 5.00 14.18
N PRO A 188 7.26 6.19 13.79
CA PRO A 188 7.32 7.32 14.73
C PRO A 188 5.96 7.72 15.24
N GLY A 189 5.91 8.14 16.50
CA GLY A 189 4.68 8.50 17.14
C GLY A 189 3.90 7.33 17.70
N VAL A 190 4.32 6.09 17.43
CA VAL A 190 3.57 4.98 17.99
C VAL A 190 3.66 5.07 19.50
N GLN A 191 2.51 5.08 20.16
CA GLN A 191 2.50 5.15 21.61
C GLN A 191 2.67 3.76 22.22
N ASP A 192 1.76 2.85 21.91
CA ASP A 192 1.74 1.52 22.52
C ASP A 192 2.46 0.52 21.61
N ALA A 193 3.77 0.68 21.51
CA ALA A 193 4.56 -0.12 20.57
C ALA A 193 4.55 -1.60 20.93
N LYS A 194 4.35 -1.91 22.21
CA LYS A 194 4.38 -3.33 22.66
C LYS A 194 3.18 -4.06 22.09
N LEU A 195 2.04 -3.38 21.99
CA LEU A 195 0.82 -4.02 21.48
C LEU A 195 0.80 -4.09 19.95
N VAL A 196 1.34 -3.06 19.27
CA VAL A 196 1.51 -3.14 17.82
C VAL A 196 2.41 -4.31 17.47
N GLU A 197 3.49 -4.48 18.23
CA GLU A 197 4.46 -5.58 17.97
C GLU A 197 3.80 -6.93 18.19
N ALA A 198 2.88 -7.05 19.13
CA ALA A 198 2.16 -8.30 19.43
C ALA A 198 1.24 -8.70 18.28
N ILE A 199 0.53 -7.72 17.73
CA ILE A 199 -0.38 -8.03 16.60
C ILE A 199 0.46 -8.36 15.37
N GLN A 200 1.54 -7.63 15.14
CA GLN A 200 2.35 -7.92 13.97
C GLN A 200 2.97 -9.30 14.06
N ASP A 201 3.35 -9.73 15.27
CA ASP A 201 4.02 -11.02 15.40
C ASP A 201 3.07 -12.17 15.10
N ARG A 202 1.79 -12.00 15.44
CA ARG A 202 0.77 -12.97 15.05
C ARG A 202 0.68 -13.11 13.54
N LEU A 203 0.80 -12.00 12.80
CA LEU A 203 0.74 -12.04 11.34
C LEU A 203 2.05 -12.60 10.75
N SER A 204 3.19 -12.24 11.33
CA SER A 204 4.47 -12.72 10.79
C SER A 204 4.63 -14.23 10.99
N ASN A 205 4.22 -14.73 12.15
CA ASN A 205 4.24 -16.18 12.38
C ASN A 205 3.24 -16.90 11.48
N THR A 206 2.07 -16.29 11.26
CA THR A 206 1.14 -16.80 10.24
C THR A 206 1.79 -16.87 8.87
N LEU A 207 2.50 -15.82 8.47
CA LEU A 207 3.12 -15.81 7.16
C LEU A 207 4.27 -16.83 7.09
N GLN A 208 5.12 -16.85 8.11
CA GLN A 208 6.24 -17.79 8.15
C GLN A 208 5.76 -19.23 8.10
N THR A 209 4.70 -19.54 8.85
CA THR A 209 4.19 -20.91 8.87
C THR A 209 3.44 -21.24 7.58
N TYR A 210 2.76 -20.24 6.98
CA TYR A 210 2.08 -20.47 5.70
C TYR A 210 3.07 -20.88 4.61
N ILE A 211 4.21 -20.20 4.54
CA ILE A 211 5.19 -20.47 3.49
C ILE A 211 5.75 -21.89 3.61
N ARG A 212 6.03 -22.33 4.84
CA ARG A 212 6.53 -23.68 5.05
C ARG A 212 5.50 -24.74 4.66
N CYS A 213 4.23 -24.52 4.99
CA CYS A 213 3.22 -25.58 4.86
C CYS A 213 2.53 -25.59 3.51
N ARG A 214 2.49 -24.46 2.81
CA ARG A 214 1.67 -24.35 1.62
C ARG A 214 2.39 -23.82 0.39
N HIS A 215 3.64 -23.35 0.51
CA HIS A 215 4.33 -22.80 -0.66
C HIS A 215 5.42 -23.76 -1.12
N PRO A 216 5.23 -24.48 -2.23
CA PRO A 216 6.18 -25.55 -2.57
C PRO A 216 7.53 -24.99 -2.99
N PRO A 217 8.61 -25.70 -2.73
CA PRO A 217 9.91 -25.31 -3.29
C PRO A 217 9.93 -25.55 -4.79
N PRO A 218 10.77 -24.84 -5.54
CA PRO A 218 11.77 -23.85 -5.09
C PRO A 218 11.26 -22.40 -4.91
N GLY A 219 9.98 -22.14 -5.21
CA GLY A 219 9.43 -20.81 -4.96
C GLY A 219 9.59 -20.31 -3.53
N SER A 220 9.57 -21.21 -2.56
CA SER A 220 9.61 -20.81 -1.16
C SER A 220 11.02 -20.49 -0.65
N HIS A 221 12.06 -20.71 -1.46
CA HIS A 221 13.44 -20.52 -1.01
C HIS A 221 13.73 -19.07 -0.59
N GLN A 222 13.98 -18.88 0.71
CA GLN A 222 14.24 -17.57 1.34
C GLN A 222 13.10 -16.59 1.09
N LEU A 223 11.90 -17.13 0.90
CA LEU A 223 10.80 -16.25 0.50
C LEU A 223 10.44 -15.27 1.61
N TYR A 224 10.41 -15.74 2.87
CA TYR A 224 10.10 -14.80 3.96
C TYR A 224 11.15 -13.70 4.06
N ALA A 225 12.44 -14.04 3.94
CA ALA A 225 13.47 -13.02 4.02
C ALA A 225 13.38 -12.05 2.83
N LYS A 226 12.97 -12.57 1.68
CA LYS A 226 12.80 -11.73 0.52
C LYS A 226 11.60 -10.78 0.69
N MET A 227 10.54 -11.24 1.36
CA MET A 227 9.38 -10.37 1.59
C MET A 227 9.70 -9.30 2.63
N ILE A 228 10.46 -9.64 3.66
CA ILE A 228 10.89 -8.65 4.65
C ILE A 228 11.80 -7.62 4.01
N GLN A 229 12.63 -8.03 3.03
CA GLN A 229 13.47 -7.06 2.33
C GLN A 229 12.63 -6.03 1.56
N LYS A 230 11.46 -6.46 1.06
CA LYS A 230 10.57 -5.54 0.35
C LYS A 230 9.98 -4.52 1.30
N LEU A 231 9.73 -4.90 2.54
CA LEU A 231 9.33 -3.90 3.52
C LEU A 231 10.44 -2.87 3.74
N ALA A 232 11.70 -3.32 3.76
CA ALA A 232 12.83 -2.39 3.83
C ALA A 232 12.88 -1.47 2.62
N ASP A 233 12.73 -2.02 1.41
CA ASP A 233 12.72 -1.19 0.22
C ASP A 233 11.60 -0.13 0.33
N LEU A 234 10.48 -0.52 0.93
CA LEU A 234 9.34 0.39 1.02
C LEU A 234 9.61 1.56 1.97
N ARG A 235 10.42 1.34 3.00
CA ARG A 235 10.80 2.45 3.89
C ARG A 235 11.57 3.53 3.13
N SER A 236 12.51 3.11 2.26
CA SER A 236 13.29 4.07 1.47
C SER A 236 12.41 4.79 0.44
N LEU A 237 11.47 4.06 -0.17
CA LEU A 237 10.54 4.65 -1.12
C LEU A 237 9.61 5.62 -0.40
N ASN A 238 9.17 5.25 0.79
CA ASN A 238 8.35 6.16 1.62
C ASN A 238 9.08 7.48 1.84
N GLU A 239 10.35 7.41 2.24
CA GLU A 239 11.15 8.61 2.55
C GLU A 239 11.24 9.54 1.35
N GLU A 240 11.57 8.97 0.18
CA GLU A 240 11.71 9.79 -1.02
C GLU A 240 10.36 10.34 -1.46
N HIS A 241 9.28 9.55 -1.30
CA HIS A 241 7.97 10.03 -1.68
C HIS A 241 7.60 11.29 -0.90
N SER A 242 7.82 11.27 0.41
CA SER A 242 7.43 12.42 1.22
C SER A 242 8.31 13.62 0.89
N LYS A 243 9.59 13.39 0.66
CA LYS A 243 10.46 14.46 0.18
C LYS A 243 9.89 15.10 -1.09
N GLN A 244 9.56 14.29 -2.09
CA GLN A 244 9.01 14.88 -3.31
C GLN A 244 7.61 15.44 -3.07
N TYR A 245 6.84 14.78 -2.21
CA TYR A 245 5.52 15.30 -1.89
C TYR A 245 5.61 16.69 -1.25
N ARG A 246 6.59 16.90 -0.36
CA ARG A 246 6.71 18.21 0.28
C ARG A 246 7.15 19.28 -0.71
N SER A 247 8.00 18.90 -1.67
CA SER A 247 8.43 19.85 -2.68
C SER A 247 7.27 20.27 -3.56
N LEU A 248 6.51 19.31 -4.09
CA LEU A 248 5.45 19.69 -5.01
C LEU A 248 4.29 20.36 -4.28
N SER A 249 3.94 19.86 -3.08
CA SER A 249 2.81 20.41 -2.30
C SER A 249 3.12 21.77 -1.69
N PHE A 250 4.39 22.18 -1.64
CA PHE A 250 4.74 23.53 -1.21
C PHE A 250 4.36 24.58 -2.24
N GLN A 251 4.07 24.18 -3.49
CA GLN A 251 3.58 25.10 -4.50
C GLN A 251 2.05 25.10 -4.43
N PRO A 252 1.42 26.18 -4.03
CA PRO A 252 -0.05 26.15 -3.90
C PRO A 252 -0.77 25.80 -5.19
N GLU A 253 -0.18 26.21 -6.31
CA GLU A 253 -0.77 25.87 -7.62
C GLU A 253 -0.91 24.35 -7.76
N ASN A 254 -0.01 23.57 -7.16
CA ASN A 254 -0.13 22.12 -7.18
C ASN A 254 -1.07 21.59 -6.10
N SER A 255 -0.98 22.13 -4.87
CA SER A 255 -1.83 21.65 -3.80
C SER A 255 -3.30 21.83 -4.14
N MET A 256 -3.62 22.82 -4.99
CA MET A 256 -5.00 23.01 -5.40
C MET A 256 -5.53 21.79 -6.15
N LYS A 257 -4.62 21.00 -6.75
CA LYS A 257 -5.05 19.86 -7.53
C LYS A 257 -5.13 18.57 -6.71
N LEU A 258 -4.70 18.60 -5.45
CA LEU A 258 -4.78 17.42 -4.60
C LEU A 258 -6.20 17.25 -4.07
N THR A 259 -6.43 16.18 -3.28
CA THR A 259 -7.73 16.00 -2.62
C THR A 259 -7.62 16.38 -1.13
N PRO A 260 -8.74 16.68 -0.47
CA PRO A 260 -8.67 16.91 0.98
C PRO A 260 -8.09 15.74 1.76
N LEU A 261 -8.49 14.50 1.44
CA LEU A 261 -7.97 13.34 2.14
C LEU A 261 -6.45 13.17 1.94
N VAL A 262 -5.97 13.32 0.69
CA VAL A 262 -4.51 13.27 0.43
C VAL A 262 -3.77 14.32 1.29
N LEU A 263 -4.38 15.49 1.44
CA LEU A 263 -3.75 16.55 2.23
C LEU A 263 -3.70 16.19 3.72
N GLU A 264 -4.74 15.54 4.24
CA GLU A 264 -4.72 15.13 5.64
C GLU A 264 -3.69 14.02 5.88
N VAL A 265 -3.56 13.11 4.93
CA VAL A 265 -2.73 11.93 5.18
C VAL A 265 -1.26 12.24 4.95
N PHE A 266 -0.95 12.95 3.87
CA PHE A 266 0.45 13.21 3.51
C PHE A 266 0.95 14.57 3.99
N GLY A 267 0.07 15.35 4.62
CA GLY A 267 0.45 16.62 5.25
C GLY A 267 0.51 17.77 4.28
N ASN B 2 -6.97 16.71 14.67
CA ASN B 2 -6.33 17.27 13.48
C ASN B 2 -6.46 16.33 12.26
N HIS B 3 -7.14 15.18 12.42
CA HIS B 3 -7.36 14.21 11.34
C HIS B 3 -8.82 13.78 11.29
N PRO B 4 -9.72 14.69 10.94
CA PRO B 4 -11.16 14.35 11.01
C PRO B 4 -11.59 13.29 10.01
N MET B 5 -11.07 13.31 8.79
CA MET B 5 -11.53 12.37 7.77
C MET B 5 -10.99 10.97 8.02
N LEU B 6 -9.74 10.86 8.48
CA LEU B 6 -9.21 9.55 8.85
C LEU B 6 -9.99 8.94 9.99
N MET B 7 -10.20 9.74 11.03
CA MET B 7 -10.97 9.32 12.22
C MET B 7 -12.36 8.83 11.78
N ASN B 8 -13.05 9.56 10.92
CA ASN B 8 -14.37 9.16 10.47
C ASN B 8 -14.31 7.86 9.68
N LEU B 9 -13.27 7.70 8.85
CA LEU B 9 -13.11 6.48 8.06
C LEU B 9 -12.74 5.27 8.91
N LEU B 10 -12.15 5.49 10.08
CA LEU B 10 -11.70 4.38 10.91
C LEU B 10 -12.77 3.89 11.87
N LYS B 11 -13.70 4.79 12.19
CA LYS B 11 -14.82 4.59 13.14
C LYS B 11 -15.50 3.26 12.89
#